data_1BLL
#
_entry.id   1BLL
#
_cell.length_a   130.300
_cell.length_b   130.300
_cell.length_c   121.900
_cell.angle_alpha   90.00
_cell.angle_beta   90.00
_cell.angle_gamma   120.00
#
_symmetry.space_group_name_H-M   'P 63 2 2'
#
loop_
_entity.id
_entity.type
_entity.pdbx_description
1 polymer 'LEUCINE AMINOPEPTIDASE'
2 polymer AMASTATIN
3 non-polymer 'ZINC ION'
4 water water
#
loop_
_entity_poly.entity_id
_entity_poly.type
_entity_poly.pdbx_seq_one_letter_code
_entity_poly.pdbx_strand_id
1 'polypeptide(L)'
;(ACE)TKGLVLGIYSKEKEEDEPQFTSAGENFNKLVSGKLREILNISGPPLKAGKTRTFYGLHEDFPSVVVVGLGKKTAG
IDEQENWHEGKENIRAAVAAGCRQIQDLEIPSVEVDPCGDAQAAAEGAVLGLYEYDDLKQKRKVVVSAKLHGSEDQEAWQ
RGVLFASGQNLARRLMETPANEMTPTKFAEIVEENLKSASIKTDVFIRPKSWIEEQEMGSFLSVAKGSEEPPVFLEIHYK
GSPNASEPPLVFVGKGITFDSGGISIKAAANMDLMRADMGGAATICSAIVSAAKLDLPINIVGLAPLCENMPSGKANKPG
DVVRARNGKTIQVDNTDAEGRLILADALCYAHTFNPKVIINAATLTGAMDIALGSGATGVFTNSSWLWNKLFEASIETGD
RVWRMPLFEHYTRQVIDCQLADVNNIGKYRSAGACTAAAFLKEFVTHPKWAHLDIAGVMTNKDEVPYLRKGMAGRPTRTL
IEFLFRFSQDSA
;
E
2 'polypeptide(L)' (L2O)VVD I
#
# COMPACT_ATOMS: atom_id res chain seq x y z
N THR A 2 5.75 -23.37 -25.88
CA THR A 2 5.38 -22.00 -26.16
C THR A 2 5.85 -21.08 -25.02
N LYS A 3 5.39 -21.50 -23.83
CA LYS A 3 5.58 -20.73 -22.63
C LYS A 3 6.42 -21.32 -21.50
N GLY A 4 6.36 -20.69 -20.33
CA GLY A 4 7.04 -21.20 -19.16
C GLY A 4 6.05 -21.74 -18.13
N LEU A 5 6.56 -22.45 -17.13
CA LEU A 5 5.72 -23.03 -16.13
C LEU A 5 6.46 -22.96 -14.84
N VAL A 6 5.82 -22.31 -13.84
CA VAL A 6 6.30 -22.29 -12.47
C VAL A 6 5.51 -23.38 -11.71
N LEU A 7 6.34 -24.24 -11.09
CA LEU A 7 5.99 -25.46 -10.37
C LEU A 7 6.52 -25.47 -8.96
N GLY A 8 5.74 -25.93 -7.97
CA GLY A 8 6.23 -25.94 -6.61
C GLY A 8 6.57 -27.31 -6.08
N ILE A 9 7.38 -27.29 -5.02
CA ILE A 9 7.76 -28.48 -4.27
C ILE A 9 8.00 -28.06 -2.82
N TYR A 10 7.63 -28.90 -1.88
CA TYR A 10 7.87 -28.75 -0.44
C TYR A 10 9.18 -29.39 -0.02
N SER A 11 9.64 -29.11 1.20
CA SER A 11 10.81 -29.71 1.86
C SER A 11 10.57 -31.14 2.34
N LYS A 12 11.51 -32.10 2.41
CA LYS A 12 11.26 -33.53 2.70
C LYS A 12 10.23 -34.23 3.64
N GLU A 13 9.85 -35.43 3.10
CA GLU A 13 8.93 -36.48 3.64
C GLU A 13 9.52 -37.94 3.61
N ASP A 17 10.13 -38.26 2.45
CA ASP A 17 10.87 -39.50 2.06
C ASP A 17 11.65 -39.14 0.76
N GLU A 18 10.87 -38.35 0.01
CA GLU A 18 11.22 -37.60 -1.15
C GLU A 18 10.45 -36.33 -0.84
N PRO A 19 11.01 -35.12 -0.91
CA PRO A 19 10.25 -33.87 -0.93
C PRO A 19 9.11 -34.01 -1.92
N GLN A 20 7.95 -33.46 -1.58
CA GLN A 20 6.80 -33.73 -2.39
C GLN A 20 6.40 -32.56 -3.24
N PHE A 21 5.91 -32.85 -4.43
CA PHE A 21 5.47 -31.81 -5.35
C PHE A 21 4.09 -31.40 -4.98
N THR A 22 3.67 -30.25 -5.52
CA THR A 22 2.27 -29.87 -5.49
C THR A 22 1.57 -30.89 -6.37
N SER A 23 0.28 -31.16 -6.23
CA SER A 23 -0.36 -32.10 -7.14
C SER A 23 -0.22 -31.67 -8.61
N ALA A 24 -0.14 -30.37 -8.96
CA ALA A 24 0.14 -29.97 -10.32
C ALA A 24 1.53 -30.45 -10.76
N GLY A 25 2.50 -30.40 -9.86
CA GLY A 25 3.86 -30.81 -10.14
C GLY A 25 4.00 -32.30 -10.34
N GLU A 26 3.24 -33.07 -9.54
CA GLU A 26 3.18 -34.52 -9.60
C GLU A 26 2.55 -35.01 -10.87
N ASN A 27 1.53 -34.26 -11.28
CA ASN A 27 0.81 -34.52 -12.49
C ASN A 27 1.76 -34.32 -13.67
N PHE A 28 2.44 -33.17 -13.73
CA PHE A 28 3.41 -32.85 -14.77
C PHE A 28 4.52 -33.87 -14.80
N ASN A 29 5.01 -34.33 -13.65
CA ASN A 29 6.03 -35.35 -13.66
C ASN A 29 5.52 -36.63 -14.31
N LYS A 30 4.28 -37.03 -14.00
CA LYS A 30 3.70 -38.21 -14.62
C LYS A 30 3.60 -38.09 -16.13
N LEU A 31 3.27 -36.86 -16.55
CA LEU A 31 3.09 -36.42 -17.93
C LEU A 31 4.37 -36.48 -18.76
N VAL A 32 5.54 -36.31 -18.12
CA VAL A 32 6.80 -36.39 -18.82
C VAL A 32 7.53 -37.64 -18.37
N SER A 33 6.71 -38.57 -17.86
CA SER A 33 7.07 -39.90 -17.41
C SER A 33 8.25 -39.99 -16.44
N GLY A 34 8.13 -39.20 -15.36
CA GLY A 34 9.09 -39.17 -14.27
C GLY A 34 10.34 -38.32 -14.50
N LYS A 35 10.43 -37.66 -15.67
CA LYS A 35 11.62 -36.86 -16.00
C LYS A 35 11.96 -35.65 -15.16
N LEU A 36 10.94 -35.01 -14.56
CA LEU A 36 11.12 -33.88 -13.67
C LEU A 36 11.76 -34.35 -12.35
N ARG A 37 11.19 -35.39 -11.74
CA ARG A 37 11.69 -35.98 -10.53
C ARG A 37 13.12 -36.44 -10.70
N GLU A 38 13.44 -36.92 -11.91
CA GLU A 38 14.75 -37.45 -12.23
C GLU A 38 15.75 -36.35 -12.42
N ILE A 39 15.38 -35.27 -13.13
CA ILE A 39 16.32 -34.20 -13.33
C ILE A 39 16.54 -33.40 -12.05
N LEU A 40 15.53 -33.38 -11.16
CA LEU A 40 15.65 -32.73 -9.87
C LEU A 40 16.69 -33.49 -9.07
N ASN A 41 16.64 -34.83 -9.09
CA ASN A 41 17.60 -35.63 -8.34
C ASN A 41 19.03 -35.46 -8.81
N ILE A 42 19.18 -35.35 -10.14
CA ILE A 42 20.51 -35.20 -10.75
C ILE A 42 21.06 -33.82 -10.46
N SER A 43 20.19 -32.81 -10.32
CA SER A 43 20.64 -31.44 -10.12
C SER A 43 21.21 -31.14 -8.72
N GLY A 44 21.10 -32.07 -7.77
CA GLY A 44 21.79 -31.96 -6.49
C GLY A 44 20.96 -31.68 -5.22
N PRO A 45 21.34 -30.71 -4.36
CA PRO A 45 20.74 -30.45 -3.07
C PRO A 45 19.29 -30.00 -3.24
N PRO A 46 18.36 -30.40 -2.37
CA PRO A 46 16.95 -29.99 -2.44
C PRO A 46 16.69 -28.50 -2.37
N LEU A 47 15.57 -28.05 -2.94
CA LEU A 47 15.23 -26.67 -2.93
C LEU A 47 14.58 -26.24 -1.61
N LYS A 48 15.32 -25.43 -0.82
CA LYS A 48 14.71 -24.84 0.36
C LYS A 48 13.71 -23.74 -0.04
N ALA A 49 12.93 -23.16 0.87
CA ALA A 49 11.93 -22.16 0.50
C ALA A 49 12.48 -20.88 -0.14
N GLY A 50 11.69 -20.30 -1.05
CA GLY A 50 12.06 -19.15 -1.86
C GLY A 50 13.03 -19.44 -3.02
N LYS A 51 13.78 -20.57 -2.99
CA LYS A 51 14.81 -20.85 -3.97
C LYS A 51 14.24 -21.49 -5.24
N THR A 52 15.04 -21.48 -6.30
CA THR A 52 14.58 -21.81 -7.67
C THR A 52 15.48 -22.74 -8.48
N ARG A 53 14.96 -23.53 -9.42
CA ARG A 53 15.81 -24.31 -10.32
C ARG A 53 15.11 -24.48 -11.65
N THR A 54 15.86 -24.33 -12.75
CA THR A 54 15.22 -24.35 -14.05
C THR A 54 15.71 -25.50 -14.88
N PHE A 55 14.72 -26.13 -15.53
CA PHE A 55 14.85 -27.37 -16.28
C PHE A 55 14.33 -27.19 -17.69
N TYR A 56 15.25 -27.42 -18.66
CA TYR A 56 14.95 -27.20 -20.06
C TYR A 56 14.54 -28.43 -20.84
N GLY A 57 13.54 -28.14 -21.67
CA GLY A 57 13.01 -29.08 -22.63
C GLY A 57 12.41 -30.35 -22.08
N LEU A 58 11.77 -30.30 -20.89
CA LEU A 58 11.05 -31.43 -20.31
C LEU A 58 9.75 -31.77 -21.03
N HIS A 59 9.20 -30.76 -21.70
CA HIS A 59 7.95 -30.89 -22.43
C HIS A 59 7.91 -29.87 -23.54
N GLU A 60 7.44 -30.37 -24.68
CA GLU A 60 7.27 -29.62 -25.92
C GLU A 60 6.64 -28.22 -25.75
N ASP A 61 5.74 -28.14 -24.78
CA ASP A 61 5.05 -26.91 -24.49
C ASP A 61 5.72 -26.02 -23.46
N PHE A 62 6.47 -26.60 -22.54
CA PHE A 62 7.11 -25.84 -21.50
C PHE A 62 8.56 -26.19 -21.63
N PRO A 63 9.29 -25.48 -22.49
CA PRO A 63 10.72 -25.68 -22.73
C PRO A 63 11.56 -25.15 -21.58
N SER A 64 10.97 -24.25 -20.76
CA SER A 64 11.57 -23.83 -19.51
C SER A 64 10.59 -24.16 -18.39
N VAL A 65 11.05 -24.91 -17.39
CA VAL A 65 10.20 -25.23 -16.26
C VAL A 65 11.02 -24.86 -15.06
N VAL A 66 10.42 -24.01 -14.25
CA VAL A 66 11.06 -23.54 -13.06
C VAL A 66 10.32 -24.20 -11.91
N VAL A 67 11.11 -24.93 -11.10
CA VAL A 67 10.64 -25.51 -9.85
C VAL A 67 11.05 -24.58 -8.68
N VAL A 68 10.07 -24.14 -7.86
CA VAL A 68 10.23 -23.21 -6.77
C VAL A 68 10.04 -23.90 -5.44
N GLY A 69 10.87 -23.58 -4.45
CA GLY A 69 10.80 -24.19 -3.13
C GLY A 69 9.74 -23.47 -2.32
N LEU A 70 8.76 -24.25 -1.85
CA LEU A 70 7.63 -23.74 -1.08
C LEU A 70 7.76 -23.96 0.42
N GLY A 71 8.87 -24.55 0.90
CA GLY A 71 9.01 -24.80 2.33
C GLY A 71 8.01 -25.84 2.82
N LYS A 72 7.65 -25.77 4.12
CA LYS A 72 6.75 -26.76 4.72
C LYS A 72 5.33 -26.59 4.30
N LYS A 73 4.79 -27.72 3.82
CA LYS A 73 3.42 -27.90 3.35
C LYS A 73 2.34 -27.36 4.30
N THR A 74 2.55 -27.69 5.57
CA THR A 74 1.65 -27.30 6.65
C THR A 74 1.93 -26.04 7.46
N ALA A 75 2.90 -25.20 7.01
CA ALA A 75 3.20 -23.90 7.60
C ALA A 75 1.95 -23.04 7.63
N GLY A 76 1.64 -22.56 8.84
CA GLY A 76 0.45 -21.75 9.04
C GLY A 76 0.81 -20.51 9.80
N ILE A 77 -0.15 -19.94 10.56
CA ILE A 77 0.08 -18.75 11.38
C ILE A 77 1.20 -19.00 12.39
N ASP A 78 2.17 -18.10 12.28
CA ASP A 78 3.35 -18.02 13.11
C ASP A 78 3.04 -17.02 14.24
N GLU A 79 3.13 -17.41 15.53
CA GLU A 79 2.83 -16.46 16.59
C GLU A 79 3.86 -15.36 16.77
N GLN A 80 5.09 -15.71 16.42
CA GLN A 80 6.16 -14.74 16.53
C GLN A 80 6.17 -13.69 15.43
N GLU A 81 5.80 -14.08 14.23
CA GLU A 81 5.87 -13.22 13.07
C GLU A 81 4.58 -12.56 12.70
N ASN A 82 3.50 -13.11 13.26
CA ASN A 82 2.15 -12.63 13.01
C ASN A 82 1.70 -12.57 11.56
N TRP A 83 1.87 -13.72 10.91
CA TRP A 83 1.35 -13.83 9.56
C TRP A 83 1.05 -15.28 9.22
N HIS A 84 0.34 -15.57 8.14
CA HIS A 84 0.25 -16.93 7.68
C HIS A 84 1.61 -17.14 7.06
N GLU A 85 2.36 -18.14 7.45
CA GLU A 85 3.66 -18.34 6.87
C GLU A 85 3.65 -19.01 5.50
N GLY A 86 2.69 -19.92 5.26
CA GLY A 86 2.57 -20.61 4.00
C GLY A 86 2.29 -19.64 2.88
N LYS A 87 1.33 -18.73 3.10
CA LYS A 87 0.99 -17.70 2.13
C LYS A 87 2.20 -16.86 1.75
N GLU A 88 2.99 -16.48 2.77
CA GLU A 88 4.26 -15.79 2.57
C GLU A 88 5.32 -16.64 1.87
N ASN A 89 5.33 -17.96 2.07
CA ASN A 89 6.26 -18.85 1.40
C ASN A 89 6.02 -18.91 -0.10
N ILE A 90 4.72 -18.93 -0.41
CA ILE A 90 4.20 -19.07 -1.75
C ILE A 90 4.36 -17.75 -2.47
N ARG A 91 4.14 -16.59 -1.83
CA ARG A 91 4.31 -15.32 -2.55
C ARG A 91 5.72 -15.11 -3.07
N ALA A 92 6.69 -15.45 -2.22
CA ALA A 92 8.10 -15.29 -2.50
C ALA A 92 8.57 -16.30 -3.52
N ALA A 93 8.08 -17.54 -3.40
CA ALA A 93 8.50 -18.61 -4.31
C ALA A 93 7.97 -18.45 -5.71
N VAL A 94 6.67 -18.16 -5.96
CA VAL A 94 6.24 -17.99 -7.33
C VAL A 94 6.66 -16.61 -7.87
N ALA A 95 7.00 -15.58 -7.04
CA ALA A 95 7.59 -14.32 -7.53
C ALA A 95 8.97 -14.59 -8.12
N ALA A 96 9.80 -15.37 -7.42
CA ALA A 96 11.13 -15.73 -7.87
C ALA A 96 11.16 -16.60 -9.12
N GLY A 97 10.16 -17.51 -9.20
CA GLY A 97 9.97 -18.38 -10.34
C GLY A 97 9.54 -17.54 -11.52
N CYS A 98 8.55 -16.68 -11.35
CA CYS A 98 8.15 -15.82 -12.45
C CYS A 98 9.23 -14.90 -12.99
N ARG A 99 10.15 -14.39 -12.15
CA ARG A 99 11.18 -13.49 -12.65
C ARG A 99 12.29 -14.24 -13.36
N GLN A 100 12.38 -15.55 -13.14
CA GLN A 100 13.31 -16.40 -13.85
C GLN A 100 12.85 -16.63 -15.31
N ILE A 101 11.53 -16.76 -15.54
CA ILE A 101 10.85 -16.89 -16.85
C ILE A 101 11.01 -15.58 -17.64
N GLN A 102 10.82 -14.47 -16.94
CA GLN A 102 11.04 -13.17 -17.54
C GLN A 102 12.50 -12.97 -17.93
N ASP A 103 13.49 -13.42 -17.16
CA ASP A 103 14.89 -13.29 -17.59
C ASP A 103 15.17 -14.21 -18.77
N LEU A 104 14.39 -15.29 -18.95
CA LEU A 104 14.48 -16.12 -20.13
C LEU A 104 13.78 -15.52 -21.33
N GLU A 105 13.24 -14.33 -21.13
CA GLU A 105 12.53 -13.54 -22.10
C GLU A 105 11.31 -14.19 -22.67
N ILE A 106 10.74 -15.13 -21.89
CA ILE A 106 9.53 -15.88 -22.20
C ILE A 106 8.31 -15.03 -21.87
N PRO A 107 7.43 -14.70 -22.83
CA PRO A 107 6.29 -13.84 -22.60
C PRO A 107 5.10 -14.36 -21.85
N SER A 108 4.97 -15.67 -21.63
CA SER A 108 3.82 -16.24 -20.92
C SER A 108 4.26 -17.29 -19.95
N VAL A 109 3.52 -17.43 -18.85
CA VAL A 109 3.80 -18.43 -17.83
C VAL A 109 2.47 -18.86 -17.25
N GLU A 110 2.58 -20.13 -16.93
CA GLU A 110 1.56 -20.88 -16.25
C GLU A 110 2.14 -21.09 -14.87
N VAL A 111 1.33 -20.71 -13.90
CA VAL A 111 1.78 -20.70 -12.52
C VAL A 111 1.04 -21.78 -11.73
N ASP A 112 1.77 -22.57 -10.93
CA ASP A 112 1.20 -23.58 -10.09
C ASP A 112 0.37 -22.93 -8.99
N PRO A 113 -0.91 -23.29 -8.73
CA PRO A 113 -1.74 -22.68 -7.68
C PRO A 113 -1.18 -22.83 -6.27
N CYS A 114 -0.29 -23.81 -6.11
CA CYS A 114 0.45 -24.18 -4.91
C CYS A 114 -0.35 -24.43 -3.63
N GLY A 115 -1.61 -24.86 -3.83
CA GLY A 115 -2.54 -25.11 -2.74
C GLY A 115 -3.24 -23.85 -2.25
N ASP A 116 -2.87 -22.68 -2.79
CA ASP A 116 -3.49 -21.43 -2.40
C ASP A 116 -3.39 -20.47 -3.57
N ALA A 117 -4.30 -20.63 -4.55
CA ALA A 117 -4.27 -19.84 -5.77
C ALA A 117 -4.18 -18.32 -5.60
N GLN A 118 -4.75 -17.80 -4.50
CA GLN A 118 -4.75 -16.37 -4.20
C GLN A 118 -3.34 -15.90 -3.86
N ALA A 119 -2.65 -16.60 -2.94
CA ALA A 119 -1.26 -16.30 -2.65
C ALA A 119 -0.32 -16.60 -3.85
N ALA A 120 -0.71 -17.47 -4.78
CA ALA A 120 0.14 -17.78 -5.93
C ALA A 120 0.04 -16.62 -6.90
N ALA A 121 -1.17 -16.12 -7.16
CA ALA A 121 -1.38 -14.96 -8.00
C ALA A 121 -0.79 -13.65 -7.44
N GLU A 122 -0.74 -13.53 -6.12
CA GLU A 122 -0.16 -12.33 -5.49
C GLU A 122 1.35 -12.36 -5.71
N GLY A 123 2.08 -13.48 -5.51
CA GLY A 123 3.50 -13.51 -5.74
C GLY A 123 3.87 -13.20 -7.18
N ALA A 124 3.11 -13.74 -8.17
CA ALA A 124 3.41 -13.51 -9.58
C ALA A 124 3.08 -12.10 -10.04
N VAL A 125 1.89 -11.52 -9.75
CA VAL A 125 1.56 -10.17 -10.21
C VAL A 125 2.33 -9.14 -9.40
N LEU A 126 2.62 -9.34 -8.11
CA LEU A 126 3.45 -8.40 -7.37
C LEU A 126 4.91 -8.56 -7.75
N GLY A 127 5.39 -9.80 -7.84
CA GLY A 127 6.79 -10.10 -8.13
C GLY A 127 7.24 -9.73 -9.52
N LEU A 128 6.32 -9.59 -10.47
CA LEU A 128 6.73 -9.29 -11.84
C LEU A 128 6.63 -7.83 -12.16
N TYR A 129 5.96 -7.02 -11.35
CA TYR A 129 5.81 -5.59 -11.59
C TYR A 129 7.13 -4.78 -11.59
N GLU A 130 7.26 -3.77 -12.49
CA GLU A 130 8.39 -2.82 -12.40
C GLU A 130 8.14 -1.31 -12.46
N TYR A 131 7.33 -0.75 -13.38
CA TYR A 131 7.17 0.69 -13.69
C TYR A 131 8.35 1.06 -14.57
N ASP A 132 8.02 0.75 -15.81
CA ASP A 132 8.86 0.65 -16.98
C ASP A 132 8.67 1.75 -17.99
N ASP A 133 7.53 2.40 -17.82
CA ASP A 133 6.99 3.32 -18.79
C ASP A 133 7.84 4.43 -19.39
N LEU A 134 8.90 4.84 -18.65
CA LEU A 134 9.68 5.96 -19.09
C LEU A 134 11.04 5.53 -19.55
N LYS A 135 11.45 4.30 -19.31
CA LYS A 135 12.68 3.79 -19.86
C LYS A 135 12.40 3.23 -21.25
N GLN A 136 13.19 3.46 -22.31
CA GLN A 136 12.95 2.79 -23.58
C GLN A 136 13.52 1.38 -23.56
N LYS A 137 14.39 1.14 -22.56
CA LYS A 137 15.04 -0.13 -22.26
C LYS A 137 14.21 -0.94 -21.25
N ARG A 138 13.34 -1.87 -21.72
CA ARG A 138 12.39 -2.61 -20.87
C ARG A 138 12.55 -4.14 -20.85
N LYS A 139 12.00 -4.82 -19.83
CA LYS A 139 11.96 -6.29 -19.75
C LYS A 139 10.73 -6.79 -20.53
N VAL A 140 10.76 -8.04 -21.02
CA VAL A 140 9.63 -8.67 -21.72
C VAL A 140 8.41 -8.61 -20.82
N VAL A 141 7.26 -8.18 -21.35
CA VAL A 141 6.07 -8.19 -20.51
C VAL A 141 5.54 -9.61 -20.57
N VAL A 142 5.59 -10.24 -19.39
CA VAL A 142 5.05 -11.56 -19.33
C VAL A 142 3.63 -11.54 -18.77
N SER A 143 2.90 -12.49 -19.34
CA SER A 143 1.51 -12.75 -19.06
C SER A 143 1.45 -14.05 -18.27
N ALA A 144 0.99 -13.81 -17.05
CA ALA A 144 0.82 -14.84 -16.05
C ALA A 144 -0.64 -15.26 -15.91
N LYS A 145 -0.75 -16.56 -16.07
CA LYS A 145 -2.04 -17.21 -16.00
C LYS A 145 -1.86 -18.40 -15.06
N LEU A 146 -3.03 -18.83 -14.57
CA LEU A 146 -3.16 -20.02 -13.75
C LEU A 146 -2.90 -21.31 -14.54
N HIS A 147 -2.12 -22.21 -13.95
CA HIS A 147 -1.91 -23.52 -14.52
C HIS A 147 -3.04 -24.41 -13.98
N GLY A 148 -4.14 -24.39 -14.75
CA GLY A 148 -5.31 -25.18 -14.45
C GLY A 148 -6.62 -24.46 -14.68
N SER A 149 -7.73 -25.15 -14.36
CA SER A 149 -9.08 -24.62 -14.50
C SER A 149 -9.89 -24.73 -13.22
N GLU A 150 -9.25 -25.39 -12.25
CA GLU A 150 -9.88 -25.75 -10.98
C GLU A 150 -10.12 -24.56 -10.07
N ASP A 151 -9.10 -23.94 -9.48
CA ASP A 151 -9.37 -22.85 -8.57
C ASP A 151 -9.13 -21.51 -9.28
N GLN A 152 -10.20 -21.04 -9.95
CA GLN A 152 -10.14 -19.83 -10.73
C GLN A 152 -10.44 -18.53 -10.00
N GLU A 153 -11.52 -18.43 -9.18
CA GLU A 153 -11.84 -17.15 -8.54
C GLU A 153 -10.92 -16.71 -7.42
N ALA A 154 -10.23 -17.68 -6.78
CA ALA A 154 -9.14 -17.43 -5.82
C ALA A 154 -7.94 -16.82 -6.54
N TRP A 155 -7.43 -17.44 -7.62
CA TRP A 155 -6.36 -16.86 -8.45
C TRP A 155 -6.73 -15.46 -8.93
N GLN A 156 -7.96 -15.21 -9.36
CA GLN A 156 -8.32 -13.90 -9.81
C GLN A 156 -8.51 -12.96 -8.63
N ARG A 157 -8.75 -13.48 -7.41
CA ARG A 157 -8.86 -12.63 -6.21
C ARG A 157 -7.45 -12.14 -5.90
N GLY A 158 -6.44 -12.99 -6.16
CA GLY A 158 -5.05 -12.65 -6.01
C GLY A 158 -4.62 -11.59 -7.02
N VAL A 159 -5.05 -11.74 -8.27
CA VAL A 159 -4.75 -10.80 -9.34
C VAL A 159 -5.35 -9.45 -8.98
N LEU A 160 -6.58 -9.43 -8.46
CA LEU A 160 -7.30 -8.25 -7.97
C LEU A 160 -6.52 -7.47 -6.86
N PHE A 161 -6.13 -8.22 -5.81
CA PHE A 161 -5.46 -7.71 -4.62
C PHE A 161 -4.07 -7.15 -4.88
N ALA A 162 -3.31 -7.90 -5.69
CA ALA A 162 -2.02 -7.49 -6.17
C ALA A 162 -2.14 -6.34 -7.19
N SER A 163 -3.14 -6.22 -8.08
CA SER A 163 -3.25 -5.09 -9.01
C SER A 163 -3.68 -3.82 -8.32
N GLY A 164 -4.39 -3.99 -7.19
CA GLY A 164 -4.79 -2.90 -6.35
C GLY A 164 -3.55 -2.30 -5.71
N GLN A 165 -2.55 -3.15 -5.43
CA GLN A 165 -1.32 -2.71 -4.80
C GLN A 165 -0.41 -2.08 -5.84
N ASN A 166 -0.34 -2.71 -7.02
CA ASN A 166 0.51 -2.24 -8.11
C ASN A 166 0.04 -0.92 -8.66
N LEU A 167 -1.26 -0.55 -8.52
CA LEU A 167 -1.76 0.77 -8.87
C LEU A 167 -1.10 1.82 -7.98
N ALA A 168 -1.12 1.49 -6.67
CA ALA A 168 -0.53 2.32 -5.62
C ALA A 168 0.96 2.46 -5.92
N ARG A 169 1.67 1.39 -6.28
CA ARG A 169 3.09 1.44 -6.53
C ARG A 169 3.34 2.29 -7.73
N ARG A 170 2.48 2.26 -8.76
CA ARG A 170 2.65 3.11 -9.91
C ARG A 170 2.29 4.58 -9.59
N LEU A 171 1.26 4.88 -8.80
CA LEU A 171 0.90 6.23 -8.40
C LEU A 171 2.05 6.89 -7.64
N MET A 172 2.73 6.08 -6.81
CA MET A 172 3.88 6.46 -5.99
C MET A 172 5.18 6.60 -6.76
N GLU A 173 5.51 5.59 -7.57
CA GLU A 173 6.76 5.62 -8.31
C GLU A 173 6.87 6.71 -9.40
N THR A 174 5.77 7.13 -10.01
CA THR A 174 5.78 8.13 -11.10
C THR A 174 6.40 9.47 -10.64
N PRO A 175 7.39 10.04 -11.37
CA PRO A 175 8.00 11.34 -11.06
C PRO A 175 6.92 12.41 -10.88
N ALA A 176 7.10 13.23 -9.85
CA ALA A 176 6.07 14.18 -9.42
C ALA A 176 5.65 15.18 -10.45
N ASN A 177 6.52 15.40 -11.47
CA ASN A 177 6.19 16.30 -12.55
C ASN A 177 5.17 15.73 -13.53
N GLU A 178 5.06 14.39 -13.54
CA GLU A 178 3.97 13.70 -14.22
C GLU A 178 2.83 13.40 -13.24
N MET A 179 3.06 12.97 -11.98
CA MET A 179 2.00 12.66 -11.03
C MET A 179 1.64 13.83 -10.12
N THR A 180 1.12 14.88 -10.74
CA THR A 180 0.77 16.09 -10.02
C THR A 180 -0.58 15.92 -9.32
N PRO A 181 -1.13 16.90 -8.56
CA PRO A 181 -2.47 16.80 -7.98
C PRO A 181 -3.59 16.44 -8.99
N THR A 182 -3.82 17.23 -10.05
CA THR A 182 -4.74 16.92 -11.15
C THR A 182 -4.50 15.55 -11.79
N LYS A 183 -3.27 15.16 -12.12
CA LYS A 183 -3.00 13.88 -12.75
C LYS A 183 -3.40 12.71 -11.87
N PHE A 184 -3.02 12.76 -10.57
CA PHE A 184 -3.32 11.72 -9.61
C PHE A 184 -4.82 11.53 -9.55
N ALA A 185 -5.62 12.61 -9.40
CA ALA A 185 -7.07 12.54 -9.26
C ALA A 185 -7.73 11.94 -10.50
N GLU A 186 -7.16 12.29 -11.65
CA GLU A 186 -7.64 11.77 -12.91
C GLU A 186 -7.37 10.30 -13.18
N ILE A 187 -6.29 9.72 -12.68
CA ILE A 187 -5.98 8.31 -12.87
C ILE A 187 -6.85 7.56 -11.88
N VAL A 188 -6.93 7.95 -10.60
CA VAL A 188 -7.81 7.31 -9.62
C VAL A 188 -9.26 7.34 -10.09
N GLU A 189 -9.70 8.50 -10.61
CA GLU A 189 -11.05 8.67 -11.09
C GLU A 189 -11.39 7.58 -12.12
N GLU A 190 -10.53 7.37 -13.12
CA GLU A 190 -10.80 6.41 -14.17
C GLU A 190 -10.73 4.97 -13.69
N ASN A 191 -9.79 4.74 -12.77
CA ASN A 191 -9.65 3.44 -12.15
C ASN A 191 -10.83 3.14 -11.25
N LEU A 192 -11.47 4.14 -10.64
CA LEU A 192 -12.59 3.82 -9.81
C LEU A 192 -13.81 3.56 -10.71
N LYS A 193 -14.05 4.34 -11.78
CA LYS A 193 -15.22 4.11 -12.63
C LYS A 193 -15.20 2.81 -13.42
N SER A 194 -14.03 2.32 -13.80
CA SER A 194 -13.90 1.04 -14.49
C SER A 194 -14.16 -0.12 -13.57
N ALA A 195 -13.94 0.12 -12.28
CA ALA A 195 -14.24 -0.87 -11.29
C ALA A 195 -15.77 -1.02 -11.04
N SER A 196 -16.63 -0.01 -11.24
CA SER A 196 -18.07 -0.05 -10.91
C SER A 196 -18.73 1.27 -11.28
N ILE A 197 -19.95 1.24 -11.79
CA ILE A 197 -20.62 2.53 -12.07
C ILE A 197 -21.36 3.12 -10.86
N LYS A 198 -21.22 2.41 -9.72
CA LYS A 198 -21.76 2.81 -8.41
C LYS A 198 -20.73 3.68 -7.72
N THR A 199 -20.31 4.69 -8.47
CA THR A 199 -19.23 5.59 -8.10
C THR A 199 -19.54 6.98 -8.60
N ASP A 200 -18.92 7.87 -7.84
CA ASP A 200 -18.97 9.29 -8.07
C ASP A 200 -17.64 9.90 -7.75
N VAL A 201 -17.02 10.68 -8.66
CA VAL A 201 -15.77 11.40 -8.37
C VAL A 201 -15.91 12.92 -8.42
N PHE A 202 -15.24 13.54 -7.46
CA PHE A 202 -15.24 14.98 -7.29
C PHE A 202 -13.78 15.36 -7.14
N ILE A 203 -13.28 16.09 -8.13
CA ILE A 203 -11.89 16.52 -8.16
C ILE A 203 -12.11 17.98 -7.82
N ARG A 204 -12.25 18.25 -6.51
CA ARG A 204 -12.59 19.60 -6.03
C ARG A 204 -11.41 20.57 -6.18
N PRO A 205 -11.61 21.72 -6.87
CA PRO A 205 -10.58 22.74 -7.07
C PRO A 205 -10.27 23.61 -5.87
N LYS A 206 -9.29 24.50 -6.04
CA LYS A 206 -8.90 25.45 -5.01
C LYS A 206 -10.05 26.28 -4.45
N SER A 207 -10.98 26.76 -5.30
CA SER A 207 -12.14 27.54 -4.89
C SER A 207 -13.11 26.84 -3.93
N TRP A 208 -13.18 25.51 -4.07
CA TRP A 208 -14.02 24.70 -3.20
C TRP A 208 -13.32 24.58 -1.86
N ILE A 209 -12.02 24.26 -1.90
CA ILE A 209 -11.20 24.09 -0.71
C ILE A 209 -11.24 25.38 0.10
N GLU A 210 -11.25 26.53 -0.61
CA GLU A 210 -11.33 27.85 0.01
C GLU A 210 -12.66 28.09 0.71
N GLU A 211 -13.74 27.68 0.01
CA GLU A 211 -15.11 27.74 0.46
C GLU A 211 -15.31 26.82 1.69
N GLN A 212 -14.55 25.71 1.70
CA GLN A 212 -14.56 24.76 2.79
C GLN A 212 -13.68 25.11 3.98
N GLU A 213 -13.06 26.31 3.90
CA GLU A 213 -12.30 26.91 4.98
C GLU A 213 -11.15 26.07 5.48
N MET A 214 -10.61 25.29 4.54
CA MET A 214 -9.46 24.42 4.76
C MET A 214 -8.12 25.17 4.64
N GLY A 215 -8.01 26.19 5.48
CA GLY A 215 -6.88 27.08 5.52
C GLY A 215 -5.58 26.40 5.86
N SER A 216 -5.58 25.33 6.66
CA SER A 216 -4.35 24.61 6.99
C SER A 216 -3.79 23.89 5.75
N PHE A 217 -4.65 23.32 4.90
CA PHE A 217 -4.23 22.64 3.68
C PHE A 217 -3.81 23.67 2.62
N LEU A 218 -4.59 24.74 2.53
CA LEU A 218 -4.30 25.80 1.61
C LEU A 218 -2.94 26.42 1.96
N SER A 219 -2.59 26.58 3.24
CA SER A 219 -1.30 27.14 3.62
C SER A 219 -0.10 26.39 3.07
N VAL A 220 -0.24 25.07 2.98
CA VAL A 220 0.82 24.23 2.43
C VAL A 220 0.88 24.35 0.92
N ALA A 221 -0.27 24.36 0.21
CA ALA A 221 -0.26 24.40 -1.24
C ALA A 221 0.16 25.70 -1.89
N LYS A 222 0.14 26.80 -1.14
CA LYS A 222 0.44 28.10 -1.71
C LYS A 222 1.85 28.34 -2.22
N GLY A 223 2.87 27.71 -1.65
CA GLY A 223 4.24 27.94 -2.09
C GLY A 223 4.55 27.47 -3.51
N SER A 224 3.70 26.56 -4.06
CA SER A 224 3.87 25.98 -5.39
C SER A 224 2.95 26.65 -6.39
N GLU A 225 3.24 26.59 -7.69
CA GLU A 225 2.33 27.11 -8.73
C GLU A 225 1.47 25.97 -9.27
N GLU A 226 1.78 24.75 -8.82
CA GLU A 226 0.97 23.59 -9.12
C GLU A 226 -0.33 23.64 -8.27
N PRO A 227 -1.52 23.65 -8.91
CA PRO A 227 -2.83 23.78 -8.25
C PRO A 227 -3.20 22.66 -7.26
N PRO A 228 -3.83 22.96 -6.11
CA PRO A 228 -4.25 21.93 -5.19
C PRO A 228 -5.56 21.36 -5.71
N VAL A 229 -5.81 20.13 -5.28
CA VAL A 229 -7.02 19.36 -5.59
C VAL A 229 -7.46 18.66 -4.31
N PHE A 230 -8.75 18.64 -3.97
CA PHE A 230 -9.23 17.86 -2.84
C PHE A 230 -10.03 16.73 -3.46
N LEU A 231 -9.51 15.51 -3.53
CA LEU A 231 -10.19 14.42 -4.19
C LEU A 231 -11.19 13.78 -3.25
N GLU A 232 -12.42 13.56 -3.78
CA GLU A 232 -13.52 12.93 -3.07
C GLU A 232 -14.13 11.85 -3.96
N ILE A 233 -14.03 10.60 -3.49
CA ILE A 233 -14.43 9.38 -4.16
C ILE A 233 -15.63 8.77 -3.47
N HIS A 234 -16.70 8.28 -4.11
CA HIS A 234 -17.72 7.51 -3.39
C HIS A 234 -17.97 6.18 -4.08
N TYR A 235 -18.03 5.09 -3.30
CA TYR A 235 -18.39 3.79 -3.83
C TYR A 235 -19.67 3.46 -3.08
N LYS A 236 -20.79 3.38 -3.77
CA LYS A 236 -22.07 3.12 -3.15
C LYS A 236 -22.37 1.61 -3.21
N GLY A 237 -21.73 0.80 -2.36
CA GLY A 237 -21.92 -0.64 -2.45
C GLY A 237 -23.07 -1.27 -1.64
N SER A 238 -23.58 -0.60 -0.59
CA SER A 238 -24.68 -1.15 0.19
C SER A 238 -25.99 -1.11 -0.57
N PRO A 239 -26.86 -2.10 -0.31
CA PRO A 239 -28.27 -2.10 -0.73
C PRO A 239 -29.02 -0.84 -0.32
N ASN A 240 -28.81 -0.36 0.92
CA ASN A 240 -29.38 0.92 1.31
C ASN A 240 -28.33 2.01 1.28
N ALA A 241 -28.74 2.94 0.45
CA ALA A 241 -27.97 4.14 0.21
C ALA A 241 -27.75 5.01 1.45
N SER A 242 -28.63 4.87 2.44
CA SER A 242 -28.49 5.62 3.67
C SER A 242 -27.62 4.97 4.73
N GLU A 243 -26.97 3.84 4.43
CA GLU A 243 -26.03 3.24 5.35
C GLU A 243 -24.91 4.24 5.50
N PRO A 244 -24.53 4.57 6.75
CA PRO A 244 -23.32 5.30 7.04
C PRO A 244 -22.07 4.64 6.45
N PRO A 245 -21.17 5.43 5.85
CA PRO A 245 -19.99 4.92 5.20
C PRO A 245 -18.78 4.65 6.05
N LEU A 246 -17.85 3.93 5.45
CA LEU A 246 -16.56 3.79 6.05
C LEU A 246 -15.79 4.91 5.35
N VAL A 247 -15.07 5.83 6.03
CA VAL A 247 -14.33 6.85 5.28
C VAL A 247 -12.83 6.56 5.36
N PHE A 248 -12.12 6.71 4.23
CA PHE A 248 -10.67 6.66 4.21
C PHE A 248 -10.12 8.08 3.84
N VAL A 249 -9.01 8.49 4.50
CA VAL A 249 -8.32 9.78 4.29
C VAL A 249 -6.86 9.51 3.99
N GLY A 250 -6.27 10.26 3.06
CA GLY A 250 -4.90 10.00 2.74
C GLY A 250 -4.11 11.24 2.37
N LYS A 251 -2.88 11.29 2.86
CA LYS A 251 -2.01 12.40 2.55
C LYS A 251 -1.58 12.35 1.09
N GLY A 252 -1.77 13.47 0.39
CA GLY A 252 -1.44 13.54 -1.01
C GLY A 252 -0.43 14.62 -1.33
N ILE A 253 0.77 14.61 -0.73
CA ILE A 253 1.77 15.61 -1.07
C ILE A 253 2.45 15.06 -2.32
N THR A 254 2.30 15.64 -3.53
CA THR A 254 2.91 15.02 -4.71
C THR A 254 4.41 15.13 -4.83
N PHE A 255 4.94 16.09 -4.07
CA PHE A 255 6.36 16.16 -3.81
C PHE A 255 6.55 16.96 -2.52
N ASP A 256 7.31 16.41 -1.54
CA ASP A 256 7.65 17.10 -0.31
C ASP A 256 9.11 17.56 -0.33
N SER A 257 9.40 18.81 -0.68
CA SER A 257 10.75 19.37 -0.58
C SER A 257 10.98 19.94 0.81
N GLY A 258 9.94 20.02 1.64
CA GLY A 258 10.03 20.59 2.94
C GLY A 258 9.56 22.02 2.91
N GLY A 259 9.71 22.73 1.79
CA GLY A 259 9.34 24.14 1.69
C GLY A 259 10.45 25.00 2.25
N ILE A 260 10.14 26.03 3.03
CA ILE A 260 11.12 26.90 3.66
C ILE A 260 11.91 26.11 4.68
N SER A 261 11.35 25.08 5.36
CA SER A 261 12.13 24.21 6.23
C SER A 261 12.59 23.07 5.33
N ILE A 262 13.46 23.52 4.39
CA ILE A 262 13.91 22.74 3.25
C ILE A 262 14.73 21.52 3.62
N LYS A 263 14.44 20.50 2.82
CA LYS A 263 15.11 19.23 2.96
C LYS A 263 16.51 19.18 2.38
N ALA A 264 17.33 18.28 2.91
CA ALA A 264 18.66 18.02 2.41
C ALA A 264 18.57 17.36 1.03
N ALA A 265 19.55 17.58 0.12
CA ALA A 265 19.48 16.98 -1.22
C ALA A 265 19.42 15.46 -1.28
N ALA A 266 20.15 14.78 -0.40
CA ALA A 266 20.26 13.33 -0.43
C ALA A 266 18.97 12.56 -0.29
N ASN A 267 18.72 12.00 -1.47
CA ASN A 267 17.62 11.13 -1.74
C ASN A 267 16.25 11.77 -1.58
N MET A 268 16.16 13.09 -1.76
CA MET A 268 14.87 13.74 -1.68
C MET A 268 13.98 13.36 -2.86
N ASP A 269 14.49 12.61 -3.85
CA ASP A 269 13.68 12.12 -4.96
C ASP A 269 12.59 11.14 -4.51
N LEU A 270 12.81 10.40 -3.42
CA LEU A 270 11.83 9.48 -2.83
C LEU A 270 10.60 10.25 -2.33
N MET A 271 10.69 11.58 -2.12
CA MET A 271 9.55 12.39 -1.72
C MET A 271 8.46 12.54 -2.76
N ARG A 272 8.70 12.11 -4.03
CA ARG A 272 7.67 11.97 -5.06
C ARG A 272 6.59 11.00 -4.55
N ALA A 273 6.92 10.12 -3.57
CA ALA A 273 6.03 9.13 -2.99
C ALA A 273 5.37 9.56 -1.70
N ASP A 274 5.37 10.86 -1.42
CA ASP A 274 4.72 11.42 -0.23
C ASP A 274 3.21 11.63 -0.40
N MET A 275 2.69 11.19 -1.56
CA MET A 275 1.26 11.01 -1.80
C MET A 275 0.86 9.54 -1.63
N GLY A 276 1.72 8.72 -0.98
CA GLY A 276 1.51 7.29 -0.75
C GLY A 276 0.38 7.00 0.22
N GLY A 277 -0.04 8.01 0.96
CA GLY A 277 -1.19 7.88 1.82
C GLY A 277 -2.42 7.94 0.94
N ALA A 278 -2.47 8.92 0.03
CA ALA A 278 -3.58 9.00 -0.91
C ALA A 278 -3.55 7.82 -1.90
N ALA A 279 -2.39 7.33 -2.38
CA ALA A 279 -2.32 6.19 -3.27
C ALA A 279 -2.90 4.91 -2.65
N THR A 280 -2.39 4.50 -1.48
CA THR A 280 -2.85 3.34 -0.72
C THR A 280 -4.36 3.23 -0.44
N ILE A 281 -4.97 4.27 0.15
CA ILE A 281 -6.38 4.26 0.45
C ILE A 281 -7.23 4.32 -0.81
N CYS A 282 -6.81 5.08 -1.84
CA CYS A 282 -7.55 5.19 -3.10
C CYS A 282 -7.49 3.88 -3.88
N SER A 283 -6.38 3.13 -3.79
CA SER A 283 -6.26 1.86 -4.49
C SER A 283 -7.15 0.82 -3.86
N ALA A 284 -7.22 0.85 -2.52
CA ALA A 284 -8.11 -0.04 -1.79
C ALA A 284 -9.60 0.24 -2.09
N ILE A 285 -10.05 1.51 -2.33
CA ILE A 285 -11.45 1.83 -2.66
C ILE A 285 -11.71 1.26 -4.06
N VAL A 286 -10.77 1.49 -5.03
CA VAL A 286 -10.80 0.93 -6.38
C VAL A 286 -10.90 -0.59 -6.32
N SER A 287 -10.17 -1.25 -5.42
CA SER A 287 -10.25 -2.70 -5.29
C SER A 287 -11.50 -3.13 -4.55
N ALA A 288 -12.06 -2.37 -3.61
CA ALA A 288 -13.30 -2.72 -2.91
C ALA A 288 -14.47 -2.71 -3.88
N ALA A 289 -14.46 -1.67 -4.74
CA ALA A 289 -15.42 -1.52 -5.81
C ALA A 289 -15.28 -2.59 -6.88
N LYS A 290 -14.06 -3.07 -7.22
CA LYS A 290 -13.79 -4.17 -8.16
C LYS A 290 -14.29 -5.53 -7.63
N LEU A 291 -14.13 -5.66 -6.30
CA LEU A 291 -14.56 -6.84 -5.52
C LEU A 291 -16.07 -6.83 -5.25
N ASP A 292 -16.59 -5.63 -5.53
CA ASP A 292 -17.96 -5.18 -5.34
C ASP A 292 -18.57 -5.62 -4.01
N LEU A 293 -17.78 -5.21 -3.01
CA LEU A 293 -18.05 -5.35 -1.60
C LEU A 293 -19.35 -4.62 -1.23
N PRO A 294 -20.22 -5.21 -0.38
CA PRO A 294 -21.54 -4.69 -0.07
C PRO A 294 -21.56 -3.58 0.99
N ILE A 295 -20.62 -2.61 0.84
CA ILE A 295 -20.47 -1.49 1.77
C ILE A 295 -20.35 -0.14 1.08
N ASN A 296 -20.67 0.91 1.83
CA ASN A 296 -20.49 2.28 1.34
C ASN A 296 -19.14 2.87 1.78
N ILE A 297 -18.27 3.44 0.91
CA ILE A 297 -16.92 3.91 1.31
C ILE A 297 -16.64 5.29 0.70
N VAL A 298 -16.20 6.28 1.48
CA VAL A 298 -15.80 7.58 0.92
C VAL A 298 -14.27 7.64 1.00
N GLY A 299 -13.64 8.18 -0.05
CA GLY A 299 -12.19 8.36 -0.15
C GLY A 299 -11.87 9.84 -0.24
N LEU A 300 -11.03 10.29 0.67
CA LEU A 300 -10.71 11.68 0.82
C LEU A 300 -9.18 11.83 0.76
N ALA A 301 -8.71 12.74 -0.08
CA ALA A 301 -7.28 12.91 -0.27
C ALA A 301 -6.97 14.37 -0.66
N PRO A 302 -6.34 15.19 0.20
CA PRO A 302 -5.86 16.52 -0.12
C PRO A 302 -4.58 16.34 -0.95
N LEU A 303 -4.54 16.90 -2.16
CA LEU A 303 -3.39 16.78 -3.03
C LEU A 303 -2.71 18.13 -3.38
N CYS A 304 -1.48 18.33 -2.90
CA CYS A 304 -0.72 19.50 -3.25
C CYS A 304 0.77 19.22 -3.20
N GLU A 305 1.62 20.12 -3.73
CA GLU A 305 3.07 19.97 -3.58
C GLU A 305 3.55 20.84 -2.42
N ASN A 306 4.72 20.59 -1.80
CA ASN A 306 5.20 21.48 -0.75
C ASN A 306 6.54 22.08 -1.18
N MET A 307 6.48 23.28 -1.78
CA MET A 307 7.64 23.95 -2.38
C MET A 307 8.08 25.21 -1.65
N PRO A 308 9.35 25.62 -1.73
CA PRO A 308 9.82 26.94 -1.27
C PRO A 308 9.57 28.01 -2.33
N SER A 309 9.09 29.19 -1.89
CA SER A 309 8.92 30.34 -2.81
C SER A 309 8.73 31.63 -2.07
N GLY A 310 8.46 32.70 -2.86
CA GLY A 310 8.24 34.02 -2.31
C GLY A 310 6.85 34.15 -1.69
N LYS A 311 6.08 33.06 -1.63
CA LYS A 311 4.77 33.03 -1.00
C LYS A 311 4.51 31.76 -0.23
N ALA A 312 5.53 30.95 0.01
CA ALA A 312 5.38 29.72 0.78
C ALA A 312 5.03 30.01 2.23
N ASN A 313 4.75 28.97 2.99
CA ASN A 313 4.51 29.04 4.42
C ASN A 313 5.82 29.39 5.07
N LYS A 314 5.78 30.25 6.08
CA LYS A 314 7.00 30.61 6.79
C LYS A 314 6.92 29.93 8.12
N PRO A 315 8.00 29.38 8.67
CA PRO A 315 8.08 29.01 10.06
C PRO A 315 7.63 30.12 11.03
N GLY A 316 6.70 29.73 11.91
CA GLY A 316 6.07 30.60 12.89
C GLY A 316 4.62 31.02 12.58
N ASP A 317 4.21 30.94 11.31
CA ASP A 317 2.88 31.31 10.86
C ASP A 317 1.71 30.62 11.56
N VAL A 318 0.59 31.33 11.83
CA VAL A 318 -0.54 30.66 12.43
C VAL A 318 -1.64 30.64 11.39
N VAL A 319 -2.10 29.41 11.18
CA VAL A 319 -3.15 29.16 10.19
C VAL A 319 -4.36 28.55 10.87
N ARG A 320 -5.57 28.87 10.41
CA ARG A 320 -6.79 28.26 10.97
C ARG A 320 -7.36 27.04 10.21
N ALA A 321 -7.43 25.93 10.93
CA ALA A 321 -8.09 24.75 10.41
C ALA A 321 -9.60 24.98 10.28
N ARG A 322 -10.23 24.22 9.39
CA ARG A 322 -11.69 24.13 9.19
C ARG A 322 -12.50 24.18 10.50
N ASN A 323 -12.00 23.49 11.54
CA ASN A 323 -12.64 23.39 12.87
C ASN A 323 -12.41 24.55 13.85
N GLY A 324 -11.71 25.57 13.34
CA GLY A 324 -11.51 26.80 14.07
C GLY A 324 -10.22 26.83 14.84
N LYS A 325 -9.59 25.68 15.10
CA LYS A 325 -8.34 25.73 15.81
C LYS A 325 -7.27 26.35 14.92
N THR A 326 -6.38 27.03 15.62
CA THR A 326 -5.20 27.64 15.04
C THR A 326 -4.03 26.65 15.20
N ILE A 327 -3.16 26.57 14.20
CA ILE A 327 -1.96 25.74 14.22
C ILE A 327 -0.75 26.68 14.11
N GLN A 328 0.25 26.65 14.98
CA GLN A 328 1.50 27.34 14.67
C GLN A 328 2.32 26.41 13.78
N VAL A 329 2.68 26.86 12.57
CA VAL A 329 3.46 26.09 11.61
C VAL A 329 4.93 26.38 11.88
N ASP A 330 5.46 25.82 12.96
CA ASP A 330 6.86 26.02 13.29
C ASP A 330 7.92 25.45 12.36
N ASN A 331 7.50 24.38 11.65
CA ASN A 331 8.33 23.69 10.71
C ASN A 331 7.40 23.40 9.56
N THR A 332 7.86 23.91 8.43
CA THR A 332 7.17 23.80 7.14
C THR A 332 7.19 22.37 6.53
N ASP A 333 8.07 21.49 7.02
CA ASP A 333 8.21 20.11 6.60
C ASP A 333 7.38 19.16 7.45
N ALA A 334 6.45 19.72 8.21
CA ALA A 334 5.46 18.92 8.92
C ALA A 334 4.11 19.32 8.30
N GLU A 335 3.98 19.07 6.99
CA GLU A 335 2.84 19.52 6.19
C GLU A 335 1.75 18.51 6.02
N GLY A 336 2.12 17.25 6.20
CA GLY A 336 1.13 16.19 6.17
C GLY A 336 0.11 16.42 7.25
N ARG A 337 0.61 16.77 8.44
CA ARG A 337 -0.17 17.07 9.65
C ARG A 337 -1.27 18.06 9.30
N LEU A 338 -0.84 19.11 8.59
CA LEU A 338 -1.68 20.23 8.22
C LEU A 338 -2.78 19.90 7.22
N ILE A 339 -2.39 19.15 6.19
CA ILE A 339 -3.28 18.74 5.12
C ILE A 339 -4.34 17.84 5.67
N LEU A 340 -3.88 16.98 6.60
CA LEU A 340 -4.71 16.03 7.27
C LEU A 340 -5.58 16.65 8.36
N ALA A 341 -5.21 17.78 8.98
CA ALA A 341 -6.07 18.45 9.93
C ALA A 341 -7.42 18.75 9.30
N ASP A 342 -7.35 19.35 8.11
CA ASP A 342 -8.54 19.70 7.36
C ASP A 342 -9.31 18.58 6.74
N ALA A 343 -8.64 17.57 6.21
CA ALA A 343 -9.32 16.44 5.58
C ALA A 343 -10.02 15.58 6.63
N LEU A 344 -9.46 15.47 7.85
CA LEU A 344 -10.02 14.70 8.95
C LEU A 344 -11.22 15.36 9.59
N CYS A 345 -11.31 16.70 9.62
CA CYS A 345 -12.51 17.37 10.10
C CYS A 345 -13.62 17.12 9.08
N TYR A 346 -13.28 17.26 7.80
CA TYR A 346 -14.20 16.99 6.72
C TYR A 346 -14.77 15.58 6.77
N ALA A 347 -14.03 14.53 7.14
CA ALA A 347 -14.52 13.15 7.25
C ALA A 347 -15.69 12.96 8.23
N HIS A 348 -15.81 13.84 9.23
CA HIS A 348 -16.90 13.74 10.19
C HIS A 348 -18.22 14.16 9.57
N THR A 349 -18.16 14.94 8.46
CA THR A 349 -19.32 15.38 7.70
C THR A 349 -20.14 14.22 7.15
N PHE A 350 -19.44 13.17 6.70
CA PHE A 350 -20.04 11.98 6.10
C PHE A 350 -20.76 11.09 7.09
N ASN A 351 -20.68 11.40 8.39
CA ASN A 351 -21.18 10.56 9.45
C ASN A 351 -20.67 9.12 9.37
N PRO A 352 -19.35 8.91 9.45
CA PRO A 352 -18.71 7.60 9.27
C PRO A 352 -18.91 6.55 10.37
N LYS A 353 -18.62 5.30 10.04
CA LYS A 353 -18.61 4.19 10.98
C LYS A 353 -17.20 3.98 11.56
N VAL A 354 -16.25 4.40 10.72
CA VAL A 354 -14.83 4.18 10.89
C VAL A 354 -14.14 5.34 10.16
N ILE A 355 -13.00 5.85 10.66
CA ILE A 355 -12.24 6.82 9.91
C ILE A 355 -10.85 6.25 9.91
N ILE A 356 -10.30 6.06 8.72
CA ILE A 356 -8.98 5.47 8.62
C ILE A 356 -8.21 6.43 7.76
N ASN A 357 -7.11 6.98 8.27
CA ASN A 357 -6.31 7.79 7.42
C ASN A 357 -4.98 7.07 7.27
N ALA A 358 -4.26 7.29 6.17
CA ALA A 358 -2.91 6.74 5.99
C ALA A 358 -1.96 7.84 5.54
N ALA A 359 -0.67 7.75 5.91
CA ALA A 359 0.26 8.81 5.54
C ALA A 359 1.72 8.49 5.72
N THR A 360 2.53 8.92 4.74
CA THR A 360 3.99 8.84 4.82
C THR A 360 4.37 10.08 5.63
N LEU A 361 4.08 9.98 6.93
CA LEU A 361 4.12 11.13 7.82
C LEU A 361 5.41 11.59 8.46
N THR A 362 6.18 10.67 9.03
CA THR A 362 7.37 11.01 9.76
C THR A 362 8.44 10.02 9.42
N GLY A 363 9.68 10.49 9.39
CA GLY A 363 10.87 9.66 9.30
C GLY A 363 11.09 8.89 10.61
N ALA A 364 10.48 9.35 11.71
CA ALA A 364 10.60 8.73 13.02
C ALA A 364 9.89 7.40 13.08
N MET A 365 8.85 7.19 12.26
CA MET A 365 8.20 5.89 12.18
C MET A 365 9.14 4.95 11.49
N ASP A 366 9.95 5.49 10.56
CA ASP A 366 10.92 4.66 9.90
C ASP A 366 12.00 4.22 10.89
N ILE A 367 12.50 5.10 11.74
CA ILE A 367 13.49 4.74 12.76
C ILE A 367 12.91 3.74 13.75
N ALA A 368 11.58 3.76 13.92
CA ALA A 368 10.92 2.96 14.92
C ALA A 368 10.75 1.46 14.66
N LEU A 369 9.80 1.21 13.76
CA LEU A 369 9.39 -0.11 13.30
C LEU A 369 9.96 -0.32 11.92
N GLY A 370 9.77 0.86 11.31
CA GLY A 370 10.18 1.29 10.00
C GLY A 370 10.83 0.23 9.24
N SER A 371 9.99 -0.26 8.34
CA SER A 371 10.26 -1.29 7.36
C SER A 371 9.47 -2.56 7.59
N GLY A 372 9.42 -3.10 8.79
CA GLY A 372 8.77 -4.38 9.08
C GLY A 372 7.26 -4.35 9.21
N ALA A 373 6.68 -3.25 9.69
CA ALA A 373 5.26 -3.11 9.81
C ALA A 373 4.86 -1.63 9.74
N THR A 374 3.64 -1.28 9.26
CA THR A 374 3.23 0.10 9.27
C THR A 374 2.68 0.30 10.67
N GLY A 375 2.87 1.51 11.22
CA GLY A 375 2.42 1.83 12.56
C GLY A 375 0.97 2.27 12.54
N VAL A 376 0.14 1.75 13.43
CA VAL A 376 -1.23 2.19 13.51
C VAL A 376 -1.55 2.65 14.93
N PHE A 377 -1.99 3.90 14.95
CA PHE A 377 -2.40 4.60 16.14
C PHE A 377 -3.93 4.59 16.09
N THR A 378 -4.55 3.96 17.06
CA THR A 378 -5.98 3.95 17.09
C THR A 378 -6.55 4.06 18.50
N ASN A 379 -7.64 4.83 18.58
CA ASN A 379 -8.41 4.93 19.82
C ASN A 379 -9.41 3.78 19.96
N SER A 380 -9.31 2.84 19.03
CA SER A 380 -10.21 1.71 18.95
C SER A 380 -9.47 0.41 18.78
N SER A 381 -9.38 -0.32 19.89
CA SER A 381 -8.83 -1.65 19.93
C SER A 381 -9.64 -2.66 19.11
N TRP A 382 -10.91 -2.36 18.83
CA TRP A 382 -11.75 -3.14 17.94
C TRP A 382 -11.20 -3.01 16.52
N LEU A 383 -11.01 -1.74 16.10
CA LEU A 383 -10.39 -1.39 14.84
C LEU A 383 -8.95 -1.85 14.74
N TRP A 384 -8.19 -1.81 15.85
CA TRP A 384 -6.82 -2.29 15.87
C TRP A 384 -6.85 -3.76 15.52
N ASN A 385 -7.67 -4.49 16.26
CA ASN A 385 -7.84 -5.91 16.07
C ASN A 385 -8.24 -6.31 14.65
N LYS A 386 -9.19 -5.61 14.02
CA LYS A 386 -9.58 -5.81 12.64
C LYS A 386 -8.44 -5.71 11.62
N LEU A 387 -7.68 -4.62 11.67
CA LEU A 387 -6.52 -4.38 10.81
C LEU A 387 -5.42 -5.41 11.07
N PHE A 388 -5.10 -5.67 12.34
CA PHE A 388 -4.13 -6.68 12.71
C PHE A 388 -4.43 -8.07 12.18
N GLU A 389 -5.71 -8.49 12.20
CA GLU A 389 -6.13 -9.83 11.72
C GLU A 389 -6.08 -9.92 10.21
N ALA A 390 -6.52 -8.88 9.52
CA ALA A 390 -6.34 -8.77 8.09
C ALA A 390 -4.82 -8.85 7.78
N SER A 391 -3.95 -8.34 8.67
CA SER A 391 -2.52 -8.30 8.38
C SER A 391 -1.84 -9.66 8.37
N ILE A 392 -2.37 -10.57 9.21
CA ILE A 392 -1.92 -11.97 9.32
C ILE A 392 -2.10 -12.63 7.96
N GLU A 393 -3.27 -12.37 7.38
CA GLU A 393 -3.70 -12.94 6.12
C GLU A 393 -2.89 -12.48 4.92
N THR A 394 -2.85 -11.16 4.72
CA THR A 394 -2.13 -10.55 3.60
C THR A 394 -0.60 -10.67 3.66
N GLY A 395 -0.14 -10.81 4.94
CA GLY A 395 1.28 -10.87 5.28
C GLY A 395 1.91 -9.49 5.36
N ASP A 396 1.14 -8.42 5.00
CA ASP A 396 1.55 -7.03 5.02
C ASP A 396 1.16 -6.35 6.35
N ARG A 397 2.09 -6.66 7.25
CA ARG A 397 1.96 -6.41 8.68
C ARG A 397 1.82 -5.01 9.19
N VAL A 398 1.08 -4.97 10.29
CA VAL A 398 0.66 -3.72 10.93
C VAL A 398 1.10 -3.81 12.40
N TRP A 399 1.49 -2.70 13.06
CA TRP A 399 1.97 -2.79 14.46
C TRP A 399 1.43 -1.58 15.16
N ARG A 400 0.91 -1.75 16.39
CA ARG A 400 0.32 -0.64 17.13
C ARG A 400 1.33 0.23 17.85
N MET A 401 0.95 1.51 17.89
CA MET A 401 1.78 2.57 18.46
C MET A 401 0.91 3.43 19.40
N PRO A 402 1.43 4.07 20.48
CA PRO A 402 0.66 4.72 21.54
C PRO A 402 -0.06 6.00 21.20
N LEU A 403 -1.33 6.11 21.55
CA LEU A 403 -2.09 7.33 21.33
C LEU A 403 -2.46 7.91 22.70
N PHE A 404 -1.41 8.02 23.52
CA PHE A 404 -1.39 8.59 24.88
C PHE A 404 -1.38 10.13 25.01
N GLU A 405 -2.12 10.69 25.99
CA GLU A 405 -2.18 12.13 26.22
C GLU A 405 -0.83 12.75 26.46
N HIS A 406 0.12 11.98 26.97
CA HIS A 406 1.45 12.51 27.20
C HIS A 406 2.06 13.22 25.98
N TYR A 407 1.78 12.66 24.79
CA TYR A 407 2.29 13.14 23.53
C TYR A 407 1.48 14.36 23.07
N THR A 408 0.17 14.40 23.35
CA THR A 408 -0.74 15.51 23.02
C THR A 408 -0.21 16.82 23.60
N ARG A 409 0.25 16.64 24.83
CA ARG A 409 0.82 17.64 25.70
C ARG A 409 1.96 18.38 24.99
N GLN A 410 2.89 17.64 24.35
CA GLN A 410 4.06 18.23 23.71
C GLN A 410 3.79 19.03 22.45
N VAL A 411 2.57 18.87 21.96
CA VAL A 411 2.02 19.47 20.76
C VAL A 411 0.99 20.52 21.20
N ILE A 412 0.39 20.44 22.40
CA ILE A 412 -0.58 21.40 22.93
C ILE A 412 0.04 22.62 23.59
N ASP A 413 1.21 22.47 24.24
CA ASP A 413 1.91 23.64 24.74
C ASP A 413 2.49 24.28 23.48
N CYS A 414 1.97 25.51 23.35
CA CYS A 414 2.19 26.28 22.15
C CYS A 414 2.04 27.77 22.44
N GLN A 415 3.06 28.47 21.99
CA GLN A 415 3.18 29.89 22.17
C GLN A 415 1.99 30.66 21.56
N LEU A 416 1.89 30.84 20.24
CA LEU A 416 0.87 31.65 19.62
C LEU A 416 -0.50 31.00 19.52
N ALA A 417 -0.49 29.66 19.36
CA ALA A 417 -1.70 28.93 18.99
C ALA A 417 -2.28 27.77 19.81
N ASP A 418 -3.37 27.19 19.28
CA ASP A 418 -3.99 26.04 19.90
C ASP A 418 -3.17 24.78 19.81
N VAL A 419 -2.58 24.52 18.65
CA VAL A 419 -1.73 23.35 18.45
C VAL A 419 -0.47 23.80 17.71
N ASN A 420 0.66 23.22 18.07
CA ASN A 420 1.88 23.44 17.31
C ASN A 420 2.09 22.25 16.36
N ASN A 421 2.47 22.47 15.09
CA ASN A 421 2.65 21.37 14.17
C ASN A 421 3.91 20.52 14.37
N ILE A 422 4.71 20.78 15.42
CA ILE A 422 5.84 19.93 15.82
C ILE A 422 6.09 20.16 17.30
N GLY A 423 6.51 19.01 17.86
CA GLY A 423 6.87 18.86 19.26
C GLY A 423 8.23 19.45 19.56
N LYS A 424 8.44 19.76 20.84
CA LYS A 424 9.68 20.39 21.27
C LYS A 424 10.87 19.45 21.11
N TYR A 425 10.59 18.14 21.11
CA TYR A 425 11.65 17.16 21.04
C TYR A 425 11.56 16.21 19.88
N ARG A 426 12.72 15.60 19.75
CA ARG A 426 12.97 14.57 18.77
C ARG A 426 12.24 13.28 19.16
N SER A 427 12.21 13.00 20.48
CA SER A 427 11.56 11.86 21.10
C SER A 427 10.14 11.62 20.61
N ALA A 428 9.82 10.32 20.48
CA ALA A 428 8.54 9.83 20.01
C ALA A 428 7.94 10.64 18.86
N GLY A 429 8.72 10.74 17.79
CA GLY A 429 8.35 11.57 16.66
C GLY A 429 7.07 11.20 15.98
N ALA A 430 6.72 9.91 15.95
CA ALA A 430 5.51 9.46 15.29
C ALA A 430 4.33 9.51 16.24
N CYS A 431 4.59 9.48 17.55
CA CYS A 431 3.49 9.56 18.52
C CYS A 431 3.02 10.99 18.71
N THR A 432 3.90 11.98 18.63
CA THR A 432 3.56 13.41 18.69
C THR A 432 2.74 13.92 17.47
N ALA A 433 3.10 13.41 16.29
CA ALA A 433 2.40 13.70 15.05
C ALA A 433 1.03 12.99 15.05
N ALA A 434 0.94 11.78 15.61
CA ALA A 434 -0.35 11.15 15.84
C ALA A 434 -1.17 11.99 16.82
N ALA A 435 -0.55 12.53 17.88
CA ALA A 435 -1.26 13.36 18.82
C ALA A 435 -1.77 14.61 18.17
N PHE A 436 -1.07 15.18 17.21
CA PHE A 436 -1.57 16.34 16.49
C PHE A 436 -2.87 16.05 15.72
N LEU A 437 -2.96 14.90 15.03
CA LEU A 437 -4.13 14.55 14.24
C LEU A 437 -5.37 14.31 15.11
N LYS A 438 -5.21 13.72 16.31
CA LYS A 438 -6.31 13.39 17.20
C LYS A 438 -7.03 14.66 17.59
N GLU A 439 -6.34 15.80 17.54
CA GLU A 439 -6.87 17.12 17.84
C GLU A 439 -7.95 17.63 16.90
N PHE A 440 -8.05 16.88 15.80
CA PHE A 440 -8.91 17.16 14.69
C PHE A 440 -9.87 16.00 14.44
N VAL A 441 -9.97 15.07 15.40
CA VAL A 441 -10.79 13.88 15.30
C VAL A 441 -11.64 13.71 16.57
N THR A 442 -12.98 13.75 16.48
CA THR A 442 -13.86 13.43 17.62
C THR A 442 -14.42 11.99 17.55
N HIS A 443 -14.41 11.35 16.38
CA HIS A 443 -14.85 9.98 16.15
C HIS A 443 -14.23 8.91 17.06
N PRO A 444 -15.03 7.90 17.53
CA PRO A 444 -14.62 6.75 18.36
C PRO A 444 -13.91 5.58 17.73
N LYS A 445 -13.90 5.56 16.40
CA LYS A 445 -13.26 4.49 15.65
C LYS A 445 -12.41 5.16 14.59
N TRP A 446 -11.20 5.48 15.03
CA TRP A 446 -10.27 6.17 14.16
C TRP A 446 -8.95 5.45 14.28
N ALA A 447 -8.36 5.21 13.09
CA ALA A 447 -6.99 4.67 12.99
C ALA A 447 -6.18 5.55 12.07
N HIS A 448 -4.94 5.83 12.49
CA HIS A 448 -4.00 6.61 11.71
C HIS A 448 -2.93 5.59 11.40
N LEU A 449 -2.66 5.39 10.11
CA LEU A 449 -1.62 4.45 9.73
C LEU A 449 -0.53 5.31 9.15
N ASP A 450 0.63 5.29 9.83
CA ASP A 450 1.82 6.01 9.37
C ASP A 450 2.67 5.03 8.55
N ILE A 451 2.63 5.25 7.25
CA ILE A 451 3.23 4.43 6.21
C ILE A 451 4.65 4.71 5.71
N ALA A 452 5.33 5.67 6.35
CA ALA A 452 6.66 6.11 5.96
C ALA A 452 7.77 5.09 6.02
N GLY A 453 7.84 4.19 6.98
CA GLY A 453 8.82 3.10 6.96
C GLY A 453 8.55 2.01 5.89
N VAL A 454 7.32 1.94 5.33
CA VAL A 454 6.97 0.93 4.32
C VAL A 454 6.70 1.45 2.91
N MET A 455 7.14 2.70 2.74
CA MET A 455 7.05 3.43 1.48
C MET A 455 7.84 2.76 0.33
N THR A 456 9.00 2.21 0.75
CA THR A 456 9.98 1.63 -0.15
C THR A 456 10.28 0.15 0.13
N ASN A 457 10.71 -0.59 -0.91
CA ASN A 457 11.23 -1.94 -0.77
C ASN A 457 12.63 -1.88 -1.42
N LYS A 458 13.49 -2.71 -0.84
CA LYS A 458 14.80 -2.91 -1.35
C LYS A 458 14.82 -4.40 -1.59
N ASP A 459 14.91 -5.20 -0.55
CA ASP A 459 15.03 -6.66 -0.64
C ASP A 459 14.11 -7.31 0.39
N GLU A 460 13.50 -6.55 1.31
CA GLU A 460 12.92 -7.13 2.52
C GLU A 460 11.70 -7.96 2.29
N VAL A 461 10.79 -7.51 1.45
CA VAL A 461 9.62 -8.24 1.06
C VAL A 461 10.04 -8.94 -0.23
N PRO A 462 10.24 -10.26 -0.24
CA PRO A 462 10.77 -10.99 -1.36
C PRO A 462 10.03 -10.81 -2.69
N TYR A 463 8.70 -10.80 -2.64
CA TYR A 463 7.91 -10.69 -3.84
C TYR A 463 7.67 -9.28 -4.37
N LEU A 464 8.48 -8.33 -3.94
CA LEU A 464 8.38 -6.95 -4.42
C LEU A 464 9.77 -6.60 -4.93
N ARG A 465 9.91 -6.08 -6.14
CA ARG A 465 11.22 -5.57 -6.56
C ARG A 465 11.48 -4.19 -5.90
N LYS A 466 12.69 -3.66 -6.16
CA LYS A 466 13.15 -2.38 -5.60
C LYS A 466 12.38 -1.17 -6.09
N GLY A 467 11.95 -0.33 -5.14
CA GLY A 467 11.16 0.84 -5.48
C GLY A 467 9.96 1.01 -4.56
N MET A 468 8.97 1.81 -4.93
CA MET A 468 7.82 2.06 -4.08
C MET A 468 7.01 0.78 -3.89
N ALA A 469 6.76 0.41 -2.62
CA ALA A 469 6.11 -0.84 -2.30
C ALA A 469 4.59 -0.82 -2.35
N GLY A 470 3.89 0.32 -2.31
CA GLY A 470 2.42 0.35 -2.29
C GLY A 470 1.79 -0.30 -1.06
N ARG A 471 2.52 -0.34 0.06
CA ARG A 471 2.10 -0.90 1.34
C ARG A 471 1.30 0.08 2.20
N PRO A 472 0.25 -0.34 2.94
CA PRO A 472 -0.27 -1.69 3.00
C PRO A 472 -1.58 -1.92 2.23
N THR A 473 -1.70 -1.62 0.91
CA THR A 473 -2.98 -1.65 0.20
C THR A 473 -3.83 -2.95 0.32
N ARG A 474 -3.21 -4.11 0.32
CA ARG A 474 -3.90 -5.39 0.48
C ARG A 474 -4.41 -5.58 1.91
N THR A 475 -3.75 -5.17 3.01
CA THR A 475 -4.29 -5.34 4.37
C THR A 475 -5.58 -4.52 4.52
N LEU A 476 -5.62 -3.42 3.79
CA LEU A 476 -6.73 -2.48 3.75
C LEU A 476 -7.90 -3.08 2.99
N ILE A 477 -7.65 -3.64 1.79
CA ILE A 477 -8.67 -4.37 1.01
C ILE A 477 -9.21 -5.54 1.85
N GLU A 478 -8.35 -6.35 2.51
CA GLU A 478 -8.79 -7.49 3.32
C GLU A 478 -9.69 -7.11 4.49
N PHE A 479 -9.32 -5.99 5.11
CA PHE A 479 -10.09 -5.38 6.17
C PHE A 479 -11.50 -5.06 5.70
N LEU A 480 -11.66 -4.49 4.50
CA LEU A 480 -12.96 -4.13 3.96
C LEU A 480 -13.80 -5.32 3.57
N PHE A 481 -13.16 -6.33 3.00
CA PHE A 481 -13.80 -7.59 2.70
C PHE A 481 -14.40 -8.21 3.98
N ARG A 482 -13.55 -8.45 4.98
CA ARG A 482 -14.01 -9.01 6.21
C ARG A 482 -15.04 -8.11 6.86
N PHE A 483 -14.85 -6.78 6.84
CA PHE A 483 -15.81 -5.86 7.44
C PHE A 483 -17.15 -6.01 6.75
N SER A 484 -17.19 -6.22 5.41
CA SER A 484 -18.43 -6.35 4.66
C SER A 484 -19.17 -7.68 4.86
N GLN A 485 -18.45 -8.75 5.26
CA GLN A 485 -19.02 -10.06 5.53
C GLN A 485 -19.51 -10.30 6.98
N VAL B 2 8.83 15.06 8.11
CA VAL B 2 9.91 15.52 8.90
C VAL B 2 10.78 14.37 9.41
N VAL B 3 12.03 14.72 9.80
CA VAL B 3 13.09 13.74 10.05
C VAL B 3 13.26 13.43 11.51
N ASP B 4 13.89 12.35 11.90
CA ASP B 4 14.11 11.97 13.28
C ASP B 4 14.15 10.44 13.39
#